data_6ANG
#
_entry.id   6ANG
#
_cell.length_a   111.224
_cell.length_b   111.224
_cell.length_c   177.694
_cell.angle_alpha   90.00
_cell.angle_beta   90.00
_cell.angle_gamma   90.00
#
_symmetry.space_group_name_H-M   'I 41 2 2'
#
loop_
_entity.id
_entity.type
_entity.pdbx_description
1 polymer 'Polyphosphate:AMP phosphotransferase'
2 non-polymer 'ADENOSINE MONOPHOSPHATE'
3 non-polymer 'CHLORIDE ION'
4 water water
#
_entity_poly.entity_id   1
_entity_poly.type   'polypeptide(L)'
_entity_poly.pdbx_seq_one_letter_code
;MATDFSKLSKYVETLRVKPKQSIDLKKDFDTDYDHKMLTKEEGEELLNLGISKLSEIQEKLYASGTKSVLIVFQAMDAAG
KDGTVKHIMTGLNPQGVKVTSFKVPSKIELSHDYLWRHYVALPATGEIGIFNRSHYENVLVTRVHPEYLLSEQTSGVTAI
EQVNQKFWDKRFQQINNFEQHISENGTIVLKFFLHVSKKEQKKRFIERIELDTKNWKFSTGDLKERAHWKDYRNAYEDML
ANTSTKQAPWFVIPADDKWFTRLLIAEIICTELEKLNLTFPTVSLEQKAELEKAKAELVAEKSSD
;
_entity_poly.pdbx_strand_id   A
#
# COMPACT_ATOMS: atom_id res chain seq x y z
N PHE A 5 -13.56 -5.48 -18.24
CA PHE A 5 -12.43 -4.59 -17.76
C PHE A 5 -12.31 -3.33 -18.60
N SER A 6 -13.01 -3.23 -19.71
CA SER A 6 -12.79 -2.12 -20.61
C SER A 6 -13.10 -0.76 -19.96
N LYS A 7 -14.30 -0.65 -19.38
CA LYS A 7 -14.73 0.59 -18.76
C LYS A 7 -13.94 0.82 -17.45
N LEU A 8 -13.69 -0.25 -16.72
CA LEU A 8 -12.99 -0.18 -15.43
C LEU A 8 -11.60 0.38 -15.56
N SER A 9 -10.92 -0.01 -16.62
CA SER A 9 -9.59 0.49 -16.85
C SER A 9 -9.52 2.00 -17.02
N LYS A 10 -10.53 2.61 -17.61
CA LYS A 10 -10.50 4.07 -17.74
C LYS A 10 -10.70 4.71 -16.39
N TYR A 11 -11.60 4.13 -15.59
CA TYR A 11 -11.96 4.70 -14.27
C TYR A 11 -10.77 4.68 -13.31
N VAL A 12 -9.98 3.62 -13.43
CA VAL A 12 -8.79 3.44 -12.62
C VAL A 12 -7.78 4.53 -12.86
N GLU A 13 -7.72 5.07 -14.06
CA GLU A 13 -6.78 6.13 -14.37
C GLU A 13 -7.10 7.38 -13.59
N THR A 14 -8.37 7.57 -13.24
CA THR A 14 -8.79 8.75 -12.46
C THR A 14 -8.34 8.74 -10.99
N LEU A 15 -8.14 7.53 -10.46
CA LEU A 15 -7.75 7.33 -9.06
C LEU A 15 -6.30 7.69 -8.78
N ARG A 16 -5.44 7.79 -9.78
CA ARG A 16 -4.07 8.20 -9.57
C ARG A 16 -4.01 9.68 -9.24
N VAL A 17 -3.15 10.08 -8.33
CA VAL A 17 -2.98 11.44 -8.02
C VAL A 17 -1.80 12.01 -8.77
N LYS A 18 -2.09 12.99 -9.59
CA LYS A 18 -1.10 13.63 -10.43
C LYS A 18 -0.30 14.58 -9.61
N PRO A 19 0.95 14.77 -9.99
CA PRO A 19 1.85 15.60 -9.26
C PRO A 19 1.39 16.98 -9.02
N LYS A 20 0.77 17.59 -10.02
CA LYS A 20 0.44 19.00 -9.84
C LYS A 20 -0.94 19.26 -9.32
N GLN A 21 -1.72 18.21 -9.11
CA GLN A 21 -3.09 18.40 -8.69
C GLN A 21 -3.22 18.77 -7.20
N SER A 22 -4.32 19.39 -6.83
CA SER A 22 -4.63 19.77 -5.44
C SER A 22 -5.77 18.88 -4.95
N ILE A 23 -5.92 18.78 -3.64
CA ILE A 23 -6.77 17.70 -3.12
C ILE A 23 -7.81 18.14 -2.13
N ASP A 24 -9.04 17.72 -2.38
CA ASP A 24 -10.17 18.03 -1.51
C ASP A 24 -10.91 16.71 -1.43
N LEU A 25 -10.69 15.99 -0.33
CA LEU A 25 -11.24 14.64 -0.25
C LEU A 25 -12.75 14.60 -0.12
N LYS A 26 -13.30 15.53 0.62
CA LYS A 26 -14.76 15.61 0.80
C LYS A 26 -15.44 15.82 -0.54
N LYS A 27 -14.98 16.87 -1.23
CA LYS A 27 -15.58 17.26 -2.51
C LYS A 27 -15.30 16.32 -3.70
N ASP A 28 -14.04 16.00 -3.99
CA ASP A 28 -13.73 15.36 -5.26
C ASP A 28 -13.42 13.89 -5.33
N PHE A 29 -13.38 13.19 -4.21
CA PHE A 29 -13.05 11.76 -4.27
C PHE A 29 -14.19 11.11 -3.58
N ASP A 30 -14.86 10.25 -4.27
CA ASP A 30 -16.05 9.67 -3.72
C ASP A 30 -15.65 8.39 -3.03
N THR A 31 -16.16 8.18 -1.82
CA THR A 31 -15.87 7.01 -1.07
C THR A 31 -16.64 5.83 -1.57
N ASP A 32 -17.49 6.06 -2.54
CA ASP A 32 -18.18 4.96 -3.14
C ASP A 32 -18.65 5.28 -4.54
N TYR A 33 -18.29 4.43 -5.49
CA TYR A 33 -18.62 4.62 -6.89
C TYR A 33 -20.04 4.24 -7.26
N ASP A 34 -20.80 5.23 -7.74
CA ASP A 34 -22.21 5.03 -8.13
C ASP A 34 -22.40 4.43 -9.50
N HIS A 35 -21.47 4.66 -10.39
CA HIS A 35 -21.57 4.15 -11.73
C HIS A 35 -20.75 2.89 -11.89
N LYS A 36 -20.85 1.99 -10.93
CA LYS A 36 -20.12 0.76 -10.99
C LYS A 36 -20.51 0.03 -12.25
N MET A 37 -19.51 -0.28 -13.04
CA MET A 37 -19.75 -0.99 -14.27
C MET A 37 -20.47 -2.32 -14.02
N LEU A 38 -20.15 -3.02 -12.97
CA LEU A 38 -20.53 -4.42 -12.86
C LEU A 38 -21.11 -4.80 -11.53
N THR A 39 -21.63 -6.01 -11.49
CA THR A 39 -22.19 -6.55 -10.27
C THR A 39 -21.10 -7.06 -9.39
N LYS A 40 -21.45 -7.22 -8.13
CA LYS A 40 -20.51 -7.69 -7.16
C LYS A 40 -20.06 -9.08 -7.59
N GLU A 41 -20.95 -9.88 -8.13
CA GLU A 41 -20.57 -11.21 -8.58
C GLU A 41 -19.56 -11.21 -9.73
N GLU A 42 -19.69 -10.25 -10.63
CA GLU A 42 -18.75 -10.13 -11.72
C GLU A 42 -17.42 -9.63 -11.17
N GLY A 43 -17.48 -8.75 -10.19
CA GLY A 43 -16.32 -8.21 -9.56
C GLY A 43 -15.52 -9.25 -8.84
N GLU A 44 -16.18 -10.22 -8.25
CA GLU A 44 -15.49 -11.27 -7.55
C GLU A 44 -14.73 -12.15 -8.51
N GLU A 45 -15.26 -12.37 -9.70
CA GLU A 45 -14.58 -13.19 -10.68
C GLU A 45 -13.37 -12.46 -11.25
N LEU A 46 -13.47 -11.16 -11.37
CA LEU A 46 -12.40 -10.36 -11.90
C LEU A 46 -11.26 -10.27 -10.94
N LEU A 47 -11.58 -10.23 -9.66
CA LEU A 47 -10.60 -10.17 -8.61
C LEU A 47 -9.85 -11.45 -8.56
N ASN A 48 -10.54 -12.55 -8.77
CA ASN A 48 -9.94 -13.84 -8.81
C ASN A 48 -8.92 -13.96 -9.97
N LEU A 49 -9.17 -13.32 -11.10
CA LEU A 49 -8.24 -13.34 -12.19
C LEU A 49 -7.06 -12.48 -11.88
N GLY A 50 -7.32 -11.36 -11.22
CA GLY A 50 -6.29 -10.43 -10.81
C GLY A 50 -5.31 -11.02 -9.85
N ILE A 51 -5.78 -11.78 -8.87
CA ILE A 51 -4.87 -12.40 -7.93
C ILE A 51 -4.07 -13.42 -8.66
N SER A 52 -4.70 -14.19 -9.56
CA SER A 52 -3.90 -15.19 -10.31
C SER A 52 -2.84 -14.57 -11.20
N LYS A 53 -3.19 -13.49 -11.86
CA LYS A 53 -2.25 -12.81 -12.69
C LYS A 53 -1.13 -12.20 -11.82
N LEU A 54 -1.52 -11.62 -10.70
CA LEU A 54 -0.55 -11.04 -9.80
C LEU A 54 0.39 -12.11 -9.29
N SER A 55 -0.13 -13.31 -9.09
CA SER A 55 0.70 -14.42 -8.66
C SER A 55 1.73 -14.83 -9.69
N GLU A 56 1.36 -14.79 -10.95
CA GLU A 56 2.25 -15.15 -12.03
C GLU A 56 3.35 -14.09 -12.11
N ILE A 57 2.97 -12.85 -11.95
CA ILE A 57 3.93 -11.77 -12.00
C ILE A 57 4.95 -11.90 -10.92
N GLN A 58 4.51 -12.30 -9.72
CA GLN A 58 5.41 -12.47 -8.59
C GLN A 58 6.41 -13.56 -8.89
N GLU A 59 5.94 -14.65 -9.46
CA GLU A 59 6.86 -15.70 -9.84
C GLU A 59 7.90 -15.28 -10.86
N LYS A 60 7.50 -14.50 -11.86
CA LYS A 60 8.44 -14.04 -12.84
C LYS A 60 9.40 -13.10 -12.20
N LEU A 61 8.89 -12.26 -11.33
CA LEU A 61 9.76 -11.34 -10.60
C LEU A 61 10.77 -12.04 -9.71
N TYR A 62 10.36 -13.07 -8.99
CA TYR A 62 11.31 -13.81 -8.20
C TYR A 62 12.34 -14.50 -9.05
N ALA A 63 11.92 -15.07 -10.19
CA ALA A 63 12.87 -15.82 -11.02
C ALA A 63 13.80 -14.95 -11.76
N SER A 64 13.53 -13.69 -12.03
CA SER A 64 14.54 -12.83 -12.73
C SER A 64 15.57 -12.18 -11.81
N GLY A 65 15.14 -11.74 -10.62
CA GLY A 65 15.99 -11.00 -9.71
C GLY A 65 16.56 -9.73 -10.38
N THR A 66 15.69 -8.81 -10.85
CA THR A 66 16.11 -7.52 -11.41
C THR A 66 15.45 -6.24 -10.77
N LYS A 67 14.22 -6.38 -10.29
CA LYS A 67 13.52 -5.34 -9.63
C LYS A 67 12.95 -5.82 -8.31
N SER A 68 12.62 -4.86 -7.47
CA SER A 68 11.87 -5.13 -6.27
C SER A 68 10.61 -4.27 -6.26
N VAL A 69 9.61 -4.65 -5.51
CA VAL A 69 8.36 -3.94 -5.49
C VAL A 69 8.01 -3.63 -4.07
N LEU A 70 7.69 -2.37 -3.80
CA LEU A 70 7.27 -1.89 -2.52
C LEU A 70 5.86 -1.36 -2.63
N ILE A 71 4.92 -1.90 -1.89
CA ILE A 71 3.57 -1.48 -1.93
C ILE A 71 3.16 -0.94 -0.58
N VAL A 72 2.67 0.29 -0.56
CA VAL A 72 2.30 0.96 0.67
C VAL A 72 0.79 1.05 0.84
N PHE A 73 0.29 0.85 2.04
CA PHE A 73 -1.12 1.05 2.36
C PHE A 73 -1.29 1.99 3.55
N GLN A 74 -2.13 3.02 3.40
CA GLN A 74 -2.51 3.88 4.49
C GLN A 74 -4.03 4.02 4.45
N ALA A 75 -4.62 4.20 5.61
CA ALA A 75 -6.07 4.26 5.73
C ALA A 75 -6.47 4.61 7.14
N MET A 76 -7.68 5.09 7.30
CA MET A 76 -8.25 5.33 8.60
C MET A 76 -8.70 4.00 9.16
N ASP A 77 -8.97 3.93 10.46
CA ASP A 77 -9.41 2.65 10.98
C ASP A 77 -10.70 2.21 10.35
N ALA A 78 -10.82 0.90 10.17
CA ALA A 78 -11.95 0.21 9.61
C ALA A 78 -12.21 0.51 8.16
N ALA A 79 -11.21 0.89 7.40
CA ALA A 79 -11.39 1.07 5.98
C ALA A 79 -11.27 -0.19 5.17
N GLY A 80 -10.90 -1.32 5.79
CA GLY A 80 -10.71 -2.56 5.07
C GLY A 80 -9.25 -2.78 4.70
N LYS A 81 -8.34 -2.00 5.27
CA LYS A 81 -6.92 -2.13 4.91
C LYS A 81 -6.32 -3.48 5.21
N ASP A 82 -6.44 -3.91 6.45
CA ASP A 82 -5.90 -5.18 6.87
C ASP A 82 -6.49 -6.33 6.12
N GLY A 83 -7.79 -6.31 5.90
CA GLY A 83 -8.47 -7.39 5.14
C GLY A 83 -8.03 -7.42 3.67
N THR A 84 -7.82 -6.25 3.07
CA THR A 84 -7.32 -6.18 1.73
C THR A 84 -5.91 -6.75 1.61
N VAL A 85 -5.04 -6.45 2.57
CA VAL A 85 -3.68 -7.00 2.54
C VAL A 85 -3.73 -8.49 2.71
N LYS A 86 -4.67 -8.95 3.50
CA LYS A 86 -4.81 -10.36 3.73
C LYS A 86 -5.18 -11.12 2.48
N HIS A 87 -6.12 -10.57 1.73
CA HIS A 87 -6.63 -11.24 0.56
C HIS A 87 -5.54 -11.37 -0.51
N ILE A 88 -4.73 -10.34 -0.68
CA ILE A 88 -3.61 -10.39 -1.59
C ILE A 88 -2.58 -11.45 -1.24
N MET A 89 -2.21 -11.56 0.03
CA MET A 89 -1.21 -12.54 0.51
C MET A 89 -1.63 -13.97 0.33
N THR A 90 -2.91 -14.26 0.46
CA THR A 90 -3.34 -15.63 0.34
C THR A 90 -3.06 -16.08 -1.07
N GLY A 91 -3.19 -15.19 -2.04
CA GLY A 91 -2.84 -15.54 -3.40
C GLY A 91 -1.35 -15.68 -3.72
N LEU A 92 -0.46 -15.00 -3.00
CA LEU A 92 0.91 -15.06 -3.34
C LEU A 92 1.71 -16.14 -2.64
N ASN A 93 2.83 -16.48 -3.22
CA ASN A 93 3.86 -17.32 -2.66
C ASN A 93 4.49 -16.65 -1.44
N PRO A 94 4.75 -17.38 -0.39
CA PRO A 94 5.39 -16.75 0.75
C PRO A 94 6.85 -16.51 0.55
N GLN A 95 7.48 -17.22 -0.39
CA GLN A 95 8.91 -17.09 -0.54
C GLN A 95 9.36 -15.69 -1.04
N GLY A 96 8.67 -15.10 -1.97
CA GLY A 96 9.12 -13.77 -2.36
C GLY A 96 8.26 -12.60 -1.92
N VAL A 97 7.44 -12.78 -0.89
CA VAL A 97 6.61 -11.71 -0.38
C VAL A 97 6.78 -11.49 1.11
N LYS A 98 6.94 -10.25 1.55
CA LYS A 98 6.98 -9.96 2.95
C LYS A 98 6.00 -8.82 3.29
N VAL A 99 5.23 -8.98 4.34
CA VAL A 99 4.36 -7.95 4.89
C VAL A 99 4.98 -7.41 6.17
N THR A 100 5.12 -6.13 6.33
CA THR A 100 5.55 -5.57 7.55
C THR A 100 4.46 -4.62 7.98
N SER A 101 3.88 -4.86 9.15
CA SER A 101 2.90 -3.95 9.69
C SER A 101 3.55 -3.07 10.69
N PHE A 102 3.72 -1.79 10.42
CA PHE A 102 4.42 -0.95 11.37
C PHE A 102 3.50 -0.43 12.46
N LYS A 103 3.97 -0.47 13.68
CA LYS A 103 3.25 0.02 14.80
C LYS A 103 3.99 1.07 15.51
N VAL A 104 3.55 1.37 16.70
CA VAL A 104 4.24 2.35 17.46
C VAL A 104 5.72 1.96 17.60
N PRO A 105 6.60 2.89 17.34
CA PRO A 105 8.01 2.60 17.35
C PRO A 105 8.52 2.17 18.70
N SER A 106 9.45 1.24 18.65
CA SER A 106 10.18 0.78 19.79
C SER A 106 11.24 1.82 20.23
N LYS A 107 11.81 1.59 21.42
CA LYS A 107 12.84 2.46 21.96
C LYS A 107 14.00 2.53 21.03
N ILE A 108 14.40 1.38 20.50
CA ILE A 108 15.53 1.36 19.60
C ILE A 108 15.22 2.15 18.32
N GLU A 109 14.02 1.98 17.82
CA GLU A 109 13.58 2.66 16.62
C GLU A 109 13.53 4.18 16.84
N LEU A 110 13.17 4.62 18.05
CA LEU A 110 13.11 6.02 18.37
C LEU A 110 14.46 6.64 18.54
N SER A 111 15.50 5.82 18.56
CA SER A 111 16.84 6.36 18.68
C SER A 111 17.44 6.61 17.27
N HIS A 112 16.64 6.39 16.24
CA HIS A 112 17.07 6.58 14.89
C HIS A 112 16.10 7.49 14.20
N ASP A 113 16.51 7.97 13.03
CA ASP A 113 15.63 8.78 12.30
C ASP A 113 14.36 8.01 11.90
N TYR A 114 13.26 8.72 11.65
CA TYR A 114 12.01 8.11 11.38
C TYR A 114 11.99 7.22 10.15
N LEU A 115 12.89 7.38 9.20
CA LEU A 115 12.90 6.50 8.05
C LEU A 115 13.68 5.20 8.21
N TRP A 116 14.55 5.11 9.19
CA TRP A 116 15.46 4.00 9.38
C TRP A 116 14.77 2.66 9.47
N ARG A 117 13.72 2.53 10.25
CA ARG A 117 13.04 1.25 10.31
C ARG A 117 12.38 0.85 9.01
N HIS A 118 12.01 1.79 8.16
CA HIS A 118 11.44 1.49 6.87
C HIS A 118 12.50 1.10 5.87
N TYR A 119 13.63 1.78 5.91
CA TYR A 119 14.76 1.50 5.06
C TYR A 119 15.29 0.10 5.34
N VAL A 120 15.39 -0.24 6.61
CA VAL A 120 15.80 -1.57 7.03
C VAL A 120 14.92 -2.67 6.49
N ALA A 121 13.63 -2.43 6.45
CA ALA A 121 12.65 -3.41 5.98
C ALA A 121 12.38 -3.44 4.47
N LEU A 122 13.13 -2.75 3.64
CA LEU A 122 12.85 -2.74 2.25
C LEU A 122 13.05 -4.11 1.57
N PRO A 123 12.33 -4.32 0.50
CA PRO A 123 12.42 -5.53 -0.27
C PRO A 123 13.68 -5.66 -1.11
N ALA A 124 14.19 -6.88 -1.13
CA ALA A 124 15.36 -7.20 -1.90
C ALA A 124 14.97 -7.44 -3.34
N THR A 125 15.94 -7.47 -4.25
CA THR A 125 15.67 -7.73 -5.64
C THR A 125 14.92 -9.01 -5.81
N GLY A 126 13.84 -8.96 -6.55
CA GLY A 126 13.06 -10.14 -6.78
C GLY A 126 11.89 -10.33 -5.86
N GLU A 127 11.81 -9.55 -4.80
CA GLU A 127 10.69 -9.71 -3.89
C GLU A 127 9.81 -8.47 -3.78
N ILE A 128 8.62 -8.72 -3.24
CA ILE A 128 7.63 -7.74 -3.05
C ILE A 128 7.46 -7.48 -1.58
N GLY A 129 7.57 -6.25 -1.19
CA GLY A 129 7.36 -5.85 0.19
C GLY A 129 6.10 -5.02 0.34
N ILE A 130 5.30 -5.35 1.32
CA ILE A 130 4.06 -4.65 1.55
C ILE A 130 4.18 -3.96 2.88
N PHE A 131 3.91 -2.68 2.93
CA PHE A 131 3.95 -1.97 4.16
C PHE A 131 2.50 -1.68 4.59
N ASN A 132 2.00 -2.41 5.58
CA ASN A 132 0.68 -2.21 6.12
C ASN A 132 0.96 -1.20 7.20
N ARG A 133 1.00 0.06 6.73
CA ARG A 133 1.34 1.26 7.48
C ARG A 133 2.82 1.52 7.17
N SER A 134 3.18 2.78 6.90
CA SER A 134 4.50 3.08 6.44
C SER A 134 5.12 4.26 7.09
N HIS A 135 6.10 4.80 6.41
CA HIS A 135 6.80 5.96 6.81
C HIS A 135 5.87 7.15 6.74
N TYR A 136 4.74 7.01 6.08
CA TYR A 136 3.80 8.09 5.98
C TYR A 136 3.09 8.34 7.27
N GLU A 137 3.16 7.41 8.23
CA GLU A 137 2.59 7.64 9.58
C GLU A 137 3.25 8.85 10.21
N ASN A 138 4.48 9.14 9.82
CA ASN A 138 5.21 10.23 10.35
C ASN A 138 4.76 11.58 9.80
N VAL A 139 3.83 11.60 8.88
CA VAL A 139 3.17 12.86 8.52
C VAL A 139 1.66 12.75 8.72
N LEU A 140 1.19 11.73 9.43
CA LEU A 140 -0.22 11.53 9.65
C LEU A 140 -0.57 11.53 11.12
N VAL A 141 -0.47 10.40 11.82
CA VAL A 141 -0.78 10.35 13.23
C VAL A 141 0.12 11.26 14.01
N THR A 142 1.31 11.51 13.51
CA THR A 142 2.28 12.34 14.19
C THR A 142 1.96 13.82 13.95
N ARG A 143 1.23 14.16 12.90
CA ARG A 143 0.82 15.52 12.65
C ARG A 143 -0.42 15.86 13.48
N VAL A 144 -1.34 14.92 13.58
CA VAL A 144 -2.52 15.08 14.43
C VAL A 144 -2.16 15.11 15.92
N HIS A 145 -1.22 14.28 16.34
CA HIS A 145 -0.80 14.25 17.73
C HIS A 145 0.64 14.59 17.76
N PRO A 146 0.98 15.87 17.56
CA PRO A 146 2.35 16.35 17.55
C PRO A 146 3.10 15.98 18.78
N GLU A 147 2.44 15.54 19.80
CA GLU A 147 3.10 15.18 21.06
C GLU A 147 3.99 13.96 20.90
N TYR A 148 3.72 13.08 19.94
CA TYR A 148 4.57 11.94 19.70
C TYR A 148 6.00 12.37 19.29
N LEU A 149 6.12 13.54 18.65
CA LEU A 149 7.38 14.07 18.24
C LEU A 149 8.30 14.33 19.40
N LEU A 150 7.72 14.53 20.57
CA LEU A 150 8.53 14.68 21.81
C LEU A 150 9.23 13.43 22.20
N SER A 151 8.76 12.27 21.81
CA SER A 151 9.45 10.99 22.13
C SER A 151 10.48 10.59 21.09
N GLU A 152 10.57 11.34 20.00
CA GLU A 152 11.57 11.04 19.00
C GLU A 152 12.77 11.90 19.29
N GLN A 153 13.83 11.29 19.75
CA GLN A 153 15.08 12.02 20.05
C GLN A 153 15.70 12.70 18.78
N THR A 154 15.54 12.08 17.60
CA THR A 154 16.06 12.62 16.37
C THR A 154 15.18 13.70 15.68
N SER A 155 13.95 13.89 16.11
CA SER A 155 13.03 14.84 15.44
C SER A 155 13.42 16.31 15.62
N GLY A 156 14.16 16.66 16.66
CA GLY A 156 14.48 18.03 16.89
C GLY A 156 13.35 18.90 17.45
N VAL A 157 12.38 18.32 18.14
CA VAL A 157 11.23 19.03 18.63
C VAL A 157 11.14 18.91 20.12
N THR A 158 11.31 20.00 20.85
CA THR A 158 11.11 19.96 22.33
C THR A 158 9.78 20.47 22.82
N ALA A 159 9.05 21.19 21.99
CA ALA A 159 7.74 21.66 22.38
C ALA A 159 6.89 21.75 21.15
N ILE A 160 5.62 21.47 21.32
CA ILE A 160 4.67 21.39 20.22
C ILE A 160 4.54 22.68 19.47
N GLU A 161 4.87 23.78 20.10
CA GLU A 161 4.75 25.07 19.46
C GLU A 161 5.71 25.21 18.28
N GLN A 162 6.82 24.47 18.34
CA GLN A 162 7.84 24.52 17.30
C GLN A 162 7.41 23.96 15.94
N VAL A 163 6.34 23.19 15.88
CA VAL A 163 6.05 22.56 14.62
C VAL A 163 5.13 23.41 13.83
N ASN A 164 5.53 23.66 12.60
CA ASN A 164 4.74 24.49 11.68
C ASN A 164 4.66 23.80 10.33
N GLN A 165 4.10 24.48 9.35
CA GLN A 165 3.98 23.95 8.02
C GLN A 165 5.34 23.66 7.39
N LYS A 166 6.33 24.46 7.71
CA LYS A 166 7.63 24.26 7.13
C LYS A 166 8.24 22.90 7.52
N PHE A 167 7.93 22.42 8.72
CA PHE A 167 8.41 21.14 9.19
C PHE A 167 7.79 20.00 8.39
N TRP A 168 6.49 20.03 8.16
CA TRP A 168 5.90 19.01 7.34
C TRP A 168 6.40 19.11 5.89
N ASP A 169 6.72 20.31 5.43
CA ASP A 169 7.25 20.46 4.09
C ASP A 169 8.58 19.84 3.89
N LYS A 170 9.41 19.94 4.89
CA LYS A 170 10.72 19.38 4.89
C LYS A 170 10.60 17.86 4.91
N ARG A 171 9.65 17.29 5.66
CA ARG A 171 9.49 15.85 5.70
C ARG A 171 9.01 15.33 4.38
N PHE A 172 8.19 16.12 3.70
CA PHE A 172 7.69 15.68 2.38
C PHE A 172 8.85 15.61 1.43
N GLN A 173 9.76 16.56 1.55
CA GLN A 173 10.92 16.57 0.73
C GLN A 173 11.82 15.36 1.04
N GLN A 174 12.00 15.03 2.33
CA GLN A 174 12.78 13.89 2.74
C GLN A 174 12.17 12.58 2.25
N ILE A 175 10.88 12.48 2.30
CA ILE A 175 10.24 11.31 1.82
C ILE A 175 10.37 11.15 0.34
N ASN A 176 10.20 12.24 -0.39
CA ASN A 176 10.33 12.22 -1.86
C ASN A 176 11.71 11.83 -2.29
N ASN A 177 12.71 12.35 -1.57
CA ASN A 177 14.04 11.96 -1.83
C ASN A 177 14.32 10.51 -1.57
N PHE A 178 13.73 9.94 -0.52
CA PHE A 178 13.93 8.57 -0.21
C PHE A 178 13.28 7.72 -1.27
N GLU A 179 12.09 8.07 -1.70
CA GLU A 179 11.42 7.28 -2.72
C GLU A 179 12.05 7.43 -4.12
N GLN A 180 12.59 8.58 -4.43
CA GLN A 180 13.25 8.73 -5.69
C GLN A 180 14.53 7.91 -5.73
N HIS A 181 15.25 7.90 -4.63
CA HIS A 181 16.47 7.10 -4.59
C HIS A 181 16.22 5.58 -4.82
N ILE A 182 15.22 5.00 -4.16
CA ILE A 182 14.96 3.61 -4.33
C ILE A 182 14.40 3.32 -5.70
N SER A 183 13.65 4.26 -6.27
CA SER A 183 13.10 4.10 -7.64
C SER A 183 14.16 4.08 -8.67
N GLU A 184 15.22 4.84 -8.45
CA GLU A 184 16.36 4.85 -9.33
C GLU A 184 17.31 3.71 -9.09
N ASN A 185 17.03 2.92 -8.06
CA ASN A 185 17.91 1.78 -7.67
C ASN A 185 17.07 0.53 -7.54
N GLY A 186 16.14 0.38 -8.48
CA GLY A 186 15.50 -0.90 -8.70
C GLY A 186 14.13 -1.04 -8.12
N THR A 187 13.60 -0.13 -7.30
CA THR A 187 12.37 -0.45 -6.63
C THR A 187 11.21 0.22 -7.31
N ILE A 188 10.14 -0.53 -7.54
CA ILE A 188 8.92 0.03 -8.07
C ILE A 188 8.06 0.41 -6.87
N VAL A 189 7.65 1.64 -6.71
CA VAL A 189 6.86 2.05 -5.57
C VAL A 189 5.43 2.42 -5.91
N LEU A 190 4.49 1.76 -5.26
CA LEU A 190 3.05 1.98 -5.48
C LEU A 190 2.42 2.22 -4.15
N LYS A 191 1.70 3.34 -4.01
CA LYS A 191 1.07 3.77 -2.79
C LYS A 191 -0.46 3.85 -2.89
N PHE A 192 -1.17 3.29 -1.91
CA PHE A 192 -2.59 3.27 -1.91
C PHE A 192 -3.19 3.87 -0.68
N PHE A 193 -4.12 4.80 -0.83
CA PHE A 193 -4.82 5.34 0.30
C PHE A 193 -6.24 4.82 0.22
N LEU A 194 -6.68 4.04 1.21
CA LEU A 194 -8.05 3.52 1.13
C LEU A 194 -8.95 4.55 1.76
N HIS A 195 -9.88 5.07 1.00
CA HIS A 195 -10.67 6.24 1.44
C HIS A 195 -12.08 5.84 1.86
N VAL A 196 -12.33 5.84 3.16
CA VAL A 196 -13.61 5.38 3.68
C VAL A 196 -14.41 6.59 4.19
N SER A 197 -15.71 6.56 4.04
CA SER A 197 -16.48 7.72 4.52
C SER A 197 -16.68 7.63 6.01
N LYS A 198 -16.90 8.81 6.58
CA LYS A 198 -17.24 8.90 7.98
C LYS A 198 -18.47 8.08 8.29
N LYS A 199 -19.45 8.14 7.42
CA LYS A 199 -20.63 7.41 7.66
C LYS A 199 -20.36 5.92 7.66
N GLU A 200 -19.66 5.45 6.64
CA GLU A 200 -19.40 4.03 6.54
C GLU A 200 -18.48 3.54 7.66
N GLN A 201 -17.54 4.37 8.11
CA GLN A 201 -16.69 4.00 9.20
C GLN A 201 -17.54 3.72 10.40
N LYS A 202 -18.51 4.60 10.64
CA LYS A 202 -19.39 4.46 11.75
C LYS A 202 -20.20 3.18 11.72
N LYS A 203 -20.71 2.83 10.56
CA LYS A 203 -21.50 1.65 10.43
C LYS A 203 -20.65 0.41 10.70
N ARG A 204 -19.39 0.41 10.27
CA ARG A 204 -18.49 -0.72 10.56
C ARG A 204 -18.09 -0.84 12.02
N PHE A 205 -17.88 0.28 12.67
CA PHE A 205 -17.56 0.27 14.09
C PHE A 205 -18.71 -0.33 14.90
N ILE A 206 -19.93 0.07 14.59
CA ILE A 206 -21.08 -0.47 15.28
C ILE A 206 -21.27 -1.95 15.00
N GLU A 207 -21.01 -2.41 13.81
CA GLU A 207 -21.13 -3.82 13.51
C GLU A 207 -20.13 -4.64 14.35
N ARG A 208 -18.92 -4.14 14.49
CA ARG A 208 -17.88 -4.83 15.26
C ARG A 208 -18.24 -4.90 16.73
N ILE A 209 -18.79 -3.81 17.26
CA ILE A 209 -19.17 -3.73 18.62
C ILE A 209 -20.29 -4.71 18.96
N GLU A 210 -21.19 -4.89 18.01
CA GLU A 210 -22.31 -5.77 18.20
C GLU A 210 -22.01 -7.22 18.06
N LEU A 211 -21.00 -7.60 17.30
CA LEU A 211 -20.69 -9.01 17.16
C LEU A 211 -19.87 -9.55 18.31
N ASP A 212 -20.39 -10.57 18.94
CA ASP A 212 -19.70 -11.24 20.04
C ASP A 212 -18.45 -11.97 19.57
N THR A 213 -18.29 -12.16 18.27
CA THR A 213 -17.09 -12.75 17.75
C THR A 213 -16.19 -11.71 17.03
N LYS A 214 -16.43 -10.46 17.30
CA LYS A 214 -15.48 -9.48 16.85
C LYS A 214 -15.17 -8.54 17.97
N ASN A 215 -16.09 -8.36 18.93
CA ASN A 215 -15.95 -7.22 19.86
C ASN A 215 -14.84 -7.39 20.92
N TRP A 216 -14.28 -8.58 21.03
CA TRP A 216 -13.11 -8.76 21.88
C TRP A 216 -11.90 -8.01 21.30
N LYS A 217 -11.86 -7.91 19.97
CA LYS A 217 -10.90 -7.18 19.18
C LYS A 217 -11.14 -5.70 19.06
N PHE A 218 -12.32 -5.22 19.36
CA PHE A 218 -12.56 -3.79 19.16
C PHE A 218 -11.82 -2.92 20.18
N SER A 219 -11.16 -1.91 19.69
CA SER A 219 -10.47 -1.01 20.54
C SER A 219 -11.21 0.33 20.51
N THR A 220 -11.56 0.83 21.69
CA THR A 220 -12.32 2.08 21.77
C THR A 220 -11.46 3.31 21.51
N GLY A 221 -10.15 3.13 21.46
CA GLY A 221 -9.25 4.21 21.09
C GLY A 221 -9.40 4.66 19.63
N ASP A 222 -10.02 3.82 18.80
CA ASP A 222 -10.33 4.15 17.43
C ASP A 222 -11.33 5.28 17.39
N LEU A 223 -12.16 5.38 18.41
CA LEU A 223 -13.11 6.47 18.49
C LEU A 223 -12.39 7.78 18.66
N LYS A 224 -11.25 7.78 19.32
CA LYS A 224 -10.52 9.02 19.51
C LYS A 224 -9.99 9.54 18.20
N GLU A 225 -9.55 8.65 17.33
CA GLU A 225 -9.04 9.09 16.10
C GLU A 225 -10.19 9.56 15.20
N ARG A 226 -11.37 8.97 15.37
CA ARG A 226 -12.52 9.42 14.61
C ARG A 226 -12.93 10.83 14.94
N ALA A 227 -12.74 11.23 16.15
CA ALA A 227 -13.03 12.56 16.56
C ALA A 227 -12.02 13.58 16.03
N HIS A 228 -10.89 13.12 15.50
CA HIS A 228 -9.91 14.02 14.92
C HIS A 228 -9.95 13.91 13.41
N TRP A 229 -11.09 13.53 12.88
CA TRP A 229 -11.30 13.31 11.48
C TRP A 229 -10.87 14.46 10.62
N LYS A 230 -11.26 15.67 10.95
CA LYS A 230 -10.88 16.81 10.13
C LYS A 230 -9.41 17.02 10.18
N ASP A 231 -8.80 16.79 11.35
CA ASP A 231 -7.34 16.91 11.43
C ASP A 231 -6.61 15.90 10.52
N TYR A 232 -7.11 14.66 10.48
CA TYR A 232 -6.56 13.65 9.63
C TYR A 232 -6.76 14.00 8.15
N ARG A 233 -7.92 14.52 7.78
CA ARG A 233 -8.20 14.85 6.40
C ARG A 233 -7.26 15.93 5.91
N ASN A 234 -6.97 16.89 6.75
CA ASN A 234 -6.03 17.89 6.39
C ASN A 234 -4.63 17.25 6.26
N ALA A 235 -4.27 16.36 7.16
CA ALA A 235 -2.98 15.67 7.03
C ALA A 235 -2.88 14.82 5.75
N TYR A 236 -3.92 14.10 5.42
CA TYR A 236 -3.98 13.33 4.22
C TYR A 236 -3.91 14.16 2.93
N GLU A 237 -4.67 15.25 2.89
CA GLU A 237 -4.70 16.12 1.72
C GLU A 237 -3.35 16.77 1.47
N ASP A 238 -2.71 17.30 2.50
CA ASP A 238 -1.44 17.95 2.30
C ASP A 238 -0.37 16.92 1.83
N MET A 239 -0.43 15.69 2.34
CA MET A 239 0.51 14.68 1.96
C MET A 239 0.32 14.20 0.52
N LEU A 240 -0.91 13.95 0.16
CA LEU A 240 -1.20 13.52 -1.21
C LEU A 240 -0.81 14.62 -2.24
N ALA A 241 -1.00 15.87 -1.89
CA ALA A 241 -0.69 16.97 -2.77
C ALA A 241 0.77 17.16 -2.93
N ASN A 242 1.60 16.73 -1.98
CA ASN A 242 3.06 16.83 -2.12
C ASN A 242 3.91 15.61 -2.23
N THR A 243 3.38 14.40 -2.21
CA THR A 243 4.25 13.20 -2.27
C THR A 243 3.84 12.22 -3.34
N SER A 244 2.89 12.55 -4.19
CA SER A 244 2.58 11.74 -5.33
C SER A 244 3.36 12.25 -6.54
N THR A 245 4.15 11.37 -7.12
CA THR A 245 4.93 11.67 -8.30
C THR A 245 4.66 10.62 -9.32
N LYS A 246 5.13 10.85 -10.50
CA LYS A 246 4.94 9.94 -11.63
C LYS A 246 5.71 8.63 -11.34
N GLN A 247 6.88 8.77 -10.72
CA GLN A 247 7.69 7.65 -10.31
C GLN A 247 7.10 6.84 -9.11
N ALA A 248 6.57 7.57 -8.12
CA ALA A 248 6.03 6.98 -6.95
C ALA A 248 4.62 7.52 -6.70
N PRO A 249 3.64 7.04 -7.41
CA PRO A 249 2.28 7.55 -7.36
C PRO A 249 1.44 7.09 -6.15
N TRP A 250 0.51 7.94 -5.78
CA TRP A 250 -0.53 7.63 -4.85
C TRP A 250 -1.81 7.34 -5.60
N PHE A 251 -2.52 6.35 -5.15
CA PHE A 251 -3.82 6.09 -5.66
C PHE A 251 -4.83 6.19 -4.50
N VAL A 252 -5.93 6.92 -4.67
CA VAL A 252 -6.97 7.03 -3.68
C VAL A 252 -8.07 6.07 -4.09
N ILE A 253 -8.41 5.14 -3.24
CA ILE A 253 -9.32 4.09 -3.60
C ILE A 253 -10.56 4.24 -2.75
N PRO A 254 -11.75 4.20 -3.34
CA PRO A 254 -12.97 4.29 -2.58
C PRO A 254 -13.14 3.02 -1.80
N ALA A 255 -13.33 3.15 -0.49
CA ALA A 255 -13.37 1.99 0.37
C ALA A 255 -14.72 1.56 0.93
N ASP A 256 -15.80 2.24 0.61
CA ASP A 256 -17.11 1.89 1.17
C ASP A 256 -17.64 0.52 0.77
N ASP A 257 -17.25 -0.02 -0.38
CA ASP A 257 -17.65 -1.39 -0.68
C ASP A 257 -16.38 -2.17 -0.84
N LYS A 258 -16.23 -3.20 -0.03
CA LYS A 258 -14.98 -3.91 0.06
C LYS A 258 -14.56 -4.65 -1.20
N TRP A 259 -15.51 -5.30 -1.86
CA TRP A 259 -15.20 -6.09 -3.04
C TRP A 259 -14.66 -5.18 -4.10
N PHE A 260 -15.23 -3.99 -4.24
CA PHE A 260 -14.77 -3.06 -5.25
C PHE A 260 -13.40 -2.49 -4.89
N THR A 261 -13.09 -2.30 -3.62
CA THR A 261 -11.82 -1.80 -3.22
C THR A 261 -10.71 -2.77 -3.60
N ARG A 262 -10.91 -4.04 -3.28
CA ARG A 262 -9.96 -5.06 -3.57
C ARG A 262 -9.72 -5.21 -5.05
N LEU A 263 -10.81 -5.20 -5.82
CA LEU A 263 -10.70 -5.29 -7.27
C LEU A 263 -9.89 -4.16 -7.86
N LEU A 264 -10.15 -2.96 -7.41
CA LEU A 264 -9.41 -1.82 -7.89
C LEU A 264 -7.93 -1.90 -7.61
N ILE A 265 -7.58 -2.29 -6.41
CA ILE A 265 -6.17 -2.39 -6.06
C ILE A 265 -5.46 -3.50 -6.84
N ALA A 266 -6.08 -4.66 -6.98
CA ALA A 266 -5.46 -5.71 -7.75
C ALA A 266 -5.31 -5.35 -9.23
N GLU A 267 -6.27 -4.63 -9.78
CA GLU A 267 -6.20 -4.25 -11.14
C GLU A 267 -5.05 -3.27 -11.34
N ILE A 268 -4.91 -2.34 -10.42
CA ILE A 268 -3.84 -1.34 -10.51
C ILE A 268 -2.42 -1.90 -10.36
N ILE A 269 -2.22 -2.86 -9.46
CA ILE A 269 -0.91 -3.45 -9.30
C ILE A 269 -0.54 -4.26 -10.54
N CYS A 270 -1.46 -5.03 -11.07
CA CYS A 270 -1.22 -5.78 -12.30
C CYS A 270 -0.85 -4.91 -13.45
N THR A 271 -1.60 -3.84 -13.58
CA THR A 271 -1.36 -2.94 -14.68
C THR A 271 -0.01 -2.25 -14.56
N GLU A 272 0.35 -1.80 -13.37
CA GLU A 272 1.64 -1.17 -13.19
C GLU A 272 2.80 -2.15 -13.34
N LEU A 273 2.67 -3.36 -12.81
CA LEU A 273 3.74 -4.33 -12.93
C LEU A 273 3.86 -4.89 -14.35
N GLU A 274 2.78 -4.83 -15.09
CA GLU A 274 2.78 -5.27 -16.49
C GLU A 274 3.67 -4.39 -17.39
N LYS A 275 3.94 -3.18 -16.97
CA LYS A 275 4.87 -2.35 -17.66
C LYS A 275 6.31 -2.82 -17.60
N LEU A 276 6.65 -3.74 -16.71
CA LEU A 276 8.02 -4.27 -16.66
C LEU A 276 8.28 -5.32 -17.72
N ASN A 277 7.25 -5.86 -18.32
CA ASN A 277 7.41 -6.89 -19.34
C ASN A 277 8.17 -8.08 -18.85
N LEU A 278 7.74 -8.60 -17.72
CA LEU A 278 8.36 -9.77 -17.16
C LEU A 278 8.00 -11.05 -17.92
N THR A 279 9.01 -11.91 -18.11
CA THR A 279 8.78 -13.23 -18.68
C THR A 279 9.42 -14.27 -17.84
N PHE A 280 8.96 -15.50 -18.03
CA PHE A 280 9.64 -16.62 -17.39
C PHE A 280 10.94 -16.92 -18.11
N PRO A 281 11.90 -17.46 -17.41
CA PRO A 281 13.19 -17.79 -18.07
C PRO A 281 12.98 -18.84 -19.17
N THR A 282 13.79 -18.75 -20.20
CA THR A 282 13.66 -19.68 -21.31
C THR A 282 14.73 -20.72 -21.18
N VAL A 283 14.45 -21.86 -21.74
CA VAL A 283 15.39 -22.92 -21.76
C VAL A 283 16.21 -22.89 -23.07
N SER A 284 17.52 -22.75 -22.97
CA SER A 284 18.36 -22.72 -24.11
C SER A 284 18.63 -24.14 -24.66
N LEU A 285 19.30 -24.23 -25.81
CA LEU A 285 19.61 -25.52 -26.36
C LEU A 285 20.54 -26.31 -25.44
N GLU A 286 21.53 -25.65 -24.87
CA GLU A 286 22.42 -26.32 -23.95
C GLU A 286 21.60 -26.88 -22.77
N GLN A 287 20.69 -26.08 -22.23
CA GLN A 287 19.85 -26.53 -21.11
C GLN A 287 18.93 -27.62 -21.59
N LYS A 288 18.43 -27.52 -22.80
CA LYS A 288 17.52 -28.54 -23.31
C LYS A 288 18.18 -29.89 -23.43
N ALA A 289 19.44 -29.88 -23.83
CA ALA A 289 20.21 -31.08 -23.97
C ALA A 289 20.47 -31.72 -22.61
N GLU A 290 20.71 -30.92 -21.58
CA GLU A 290 20.92 -31.47 -20.23
C GLU A 290 19.64 -32.10 -19.71
N LEU A 291 18.49 -31.51 -20.00
CA LEU A 291 17.23 -32.07 -19.55
C LEU A 291 17.01 -33.39 -20.24
N GLU A 292 17.23 -33.45 -21.56
CA GLU A 292 17.02 -34.71 -22.28
C GLU A 292 17.94 -35.82 -21.80
N LYS A 293 19.17 -35.46 -21.49
CA LYS A 293 20.14 -36.38 -21.02
C LYS A 293 19.77 -36.88 -19.62
N ALA A 294 19.29 -35.99 -18.75
CA ALA A 294 18.86 -36.37 -17.42
C ALA A 294 17.68 -37.31 -17.53
N LYS A 295 16.78 -37.01 -18.45
CA LYS A 295 15.68 -37.90 -18.63
C LYS A 295 16.15 -39.29 -19.10
N ALA A 296 17.17 -39.31 -19.94
CA ALA A 296 17.64 -40.58 -20.46
C ALA A 296 18.25 -41.45 -19.36
N GLU A 297 18.89 -40.84 -18.39
CA GLU A 297 19.43 -41.62 -17.27
C GLU A 297 18.33 -42.21 -16.40
N LEU A 298 17.25 -41.48 -16.20
CA LEU A 298 16.17 -41.99 -15.38
C LEU A 298 15.51 -43.17 -16.01
N VAL A 299 15.48 -43.18 -17.33
CA VAL A 299 14.86 -44.28 -18.05
C VAL A 299 15.72 -45.54 -18.08
N ALA A 300 17.02 -45.35 -18.06
CA ALA A 300 17.93 -46.46 -18.14
C ALA A 300 18.29 -47.05 -16.78
N GLU A 301 17.52 -46.81 -15.73
CA GLU A 301 17.94 -47.31 -14.39
C GLU A 301 17.64 -48.79 -14.20
#